data_3HTH
#
_entry.id   3HTH
#
_cell.length_a   99.719
_cell.length_b   99.719
_cell.length_c   133.730
_cell.angle_alpha   90.00
_cell.angle_beta   90.00
_cell.angle_gamma   120.00
#
_symmetry.space_group_name_H-M   'P 32 2 1'
#
loop_
_entity.id
_entity.type
_entity.pdbx_description
1 polymer 'EbrA repressor'
2 non-polymer 'NICKEL (II) ION'
3 non-polymer PROFLAVIN
4 water water
#
_entity_poly.entity_id   1
_entity_poly.type   'polypeptide(L)'
_entity_poly.pdbx_seq_one_letter_code
;MGSSHHHHHHSSGLVPRGSHMPRRHDPERRQRIIDAAIRVVGQKGIAGLSHRTVAAEADVPLGSTTYHFATLDDLMVAAL
RQANEGFARVVAAHPALSDPEADLSGELARVLGEWLGGDRTGVELEYELYLAALRRPALRPVAAEWAEGVGALLAARTDP
TTARALVAVLDGICLQVLLTDTPYDEEYAREVLTRLIPVPATRDGRGPGSHPPATAG
;
_entity_poly.pdbx_strand_id   A,B,C
#
# COMPACT_ATOMS: atom_id res chain seq x y z
N PRO A 27 -19.53 34.34 23.42
CA PRO A 27 -20.01 33.94 22.09
C PRO A 27 -18.97 34.37 21.04
N GLU A 28 -18.25 35.46 21.33
CA GLU A 28 -17.24 35.98 20.42
C GLU A 28 -15.84 35.40 20.58
N ARG A 29 -15.61 34.61 21.63
CA ARG A 29 -14.30 34.00 21.80
C ARG A 29 -14.30 32.68 21.04
N ARG A 30 -15.44 31.99 21.11
CA ARG A 30 -15.60 30.73 20.42
C ARG A 30 -15.38 30.97 18.93
N GLN A 31 -15.95 32.05 18.43
CA GLN A 31 -15.85 32.42 17.02
C GLN A 31 -14.43 32.81 16.59
N ARG A 32 -13.71 33.47 17.48
CA ARG A 32 -12.35 33.88 17.17
C ARG A 32 -11.45 32.66 17.07
N ILE A 33 -11.75 31.67 17.90
CA ILE A 33 -10.99 30.43 17.94
C ILE A 33 -11.29 29.66 16.65
N ILE A 34 -12.53 29.74 16.18
CA ILE A 34 -12.93 29.07 14.94
C ILE A 34 -12.19 29.69 13.76
N ASP A 35 -12.45 30.98 13.51
CA ASP A 35 -11.82 31.71 12.42
C ASP A 35 -10.34 31.38 12.34
N ALA A 36 -9.74 31.16 13.51
CA ALA A 36 -8.32 30.83 13.62
C ALA A 36 -7.99 29.47 13.02
N ALA A 37 -8.73 28.46 13.42
CA ALA A 37 -8.52 27.12 12.93
C ALA A 37 -8.60 27.07 11.39
N ILE A 38 -9.58 27.77 10.83
CA ILE A 38 -9.73 27.79 9.38
C ILE A 38 -8.46 28.37 8.76
N ARG A 39 -7.81 29.29 9.47
CA ARG A 39 -6.58 29.90 8.95
C ARG A 39 -5.40 28.91 9.05
N VAL A 40 -5.34 28.20 10.19
CA VAL A 40 -4.26 27.24 10.43
C VAL A 40 -4.24 26.17 9.35
N VAL A 41 -5.42 25.63 9.05
CA VAL A 41 -5.57 24.60 8.06
C VAL A 41 -5.25 25.14 6.68
N GLY A 42 -5.80 26.31 6.35
CA GLY A 42 -5.54 26.87 5.05
C GLY A 42 -4.05 26.95 4.72
N GLN A 43 -3.22 27.01 5.74
CA GLN A 43 -1.78 27.14 5.55
C GLN A 43 -0.94 25.91 5.92
N LYS A 44 -1.25 25.25 7.02
CA LYS A 44 -0.47 24.09 7.45
C LYS A 44 -1.27 22.79 7.27
N GLY A 45 -2.46 22.89 6.70
CA GLY A 45 -3.30 21.72 6.54
C GLY A 45 -3.72 21.18 7.90
N ILE A 46 -4.50 20.11 7.91
CA ILE A 46 -4.95 19.53 9.17
C ILE A 46 -3.81 19.12 10.13
N ALA A 47 -2.64 18.82 9.58
CA ALA A 47 -1.51 18.42 10.41
C ALA A 47 -1.14 19.55 11.39
N GLY A 48 -1.16 20.78 10.89
CA GLY A 48 -0.82 21.95 11.70
C GLY A 48 -1.80 22.40 12.76
N LEU A 49 -3.01 21.84 12.73
CA LEU A 49 -4.07 22.17 13.71
C LEU A 49 -3.73 21.47 15.03
N SER A 50 -3.28 22.23 16.03
CA SER A 50 -2.86 21.62 17.30
C SER A 50 -3.29 22.23 18.65
N HIS A 51 -4.46 22.86 18.73
CA HIS A 51 -4.91 23.45 20.01
C HIS A 51 -3.98 24.57 20.47
N ARG A 52 -2.70 24.45 20.13
CA ARG A 52 -1.72 25.46 20.51
C ARG A 52 -1.43 26.28 19.28
N THR A 53 -1.65 25.68 18.11
CA THR A 53 -1.43 26.34 16.84
C THR A 53 -2.59 27.30 16.66
N VAL A 54 -3.78 26.85 17.06
CA VAL A 54 -4.97 27.66 16.98
C VAL A 54 -4.82 28.80 17.98
N ALA A 55 -4.68 28.45 19.25
CA ALA A 55 -4.52 29.46 20.30
C ALA A 55 -3.44 30.47 19.91
N ALA A 56 -2.46 30.04 19.12
CA ALA A 56 -1.39 30.93 18.70
C ALA A 56 -1.88 31.82 17.57
N GLU A 57 -2.66 31.24 16.66
CA GLU A 57 -3.17 31.97 15.51
C GLU A 57 -4.27 32.97 15.86
N ALA A 58 -5.03 32.67 16.90
CA ALA A 58 -6.11 33.56 17.32
C ALA A 58 -5.67 34.45 18.49
N ASP A 59 -4.38 34.44 18.79
CA ASP A 59 -3.83 35.24 19.89
C ASP A 59 -4.73 35.15 21.11
N VAL A 60 -4.87 33.94 21.64
CA VAL A 60 -5.71 33.67 22.80
C VAL A 60 -4.90 32.84 23.80
N PRO A 61 -5.20 32.97 25.10
CA PRO A 61 -4.47 32.21 26.10
C PRO A 61 -4.36 30.72 25.75
N LEU A 62 -3.13 30.20 25.75
CA LEU A 62 -2.90 28.80 25.44
C LEU A 62 -3.86 27.94 26.25
N GLY A 63 -4.49 27.00 25.57
CA GLY A 63 -5.42 26.13 26.27
C GLY A 63 -6.79 26.73 26.43
N SER A 64 -6.90 28.06 26.43
CA SER A 64 -8.20 28.74 26.55
C SER A 64 -9.17 28.16 25.54
N THR A 65 -8.58 27.64 24.46
CA THR A 65 -9.32 27.01 23.37
C THR A 65 -10.03 25.75 23.85
N THR A 66 -9.47 25.13 24.89
CA THR A 66 -10.03 23.91 25.49
C THR A 66 -11.35 24.20 26.22
N TYR A 67 -11.54 25.44 26.65
CA TYR A 67 -12.76 25.80 27.36
C TYR A 67 -13.98 25.66 26.45
N HIS A 68 -13.80 25.95 25.17
CA HIS A 68 -14.87 25.88 24.18
C HIS A 68 -14.89 24.55 23.41
N PHE A 69 -13.70 24.06 23.07
CA PHE A 69 -13.58 22.82 22.34
C PHE A 69 -12.64 21.88 23.11
N ALA A 70 -13.24 20.89 23.74
CA ALA A 70 -12.51 19.89 24.51
C ALA A 70 -11.50 19.17 23.63
N THR A 71 -12.02 18.36 22.71
CA THR A 71 -11.18 17.60 21.80
C THR A 71 -10.91 18.35 20.50
N LEU A 72 -9.88 17.90 19.80
CA LEU A 72 -9.51 18.49 18.51
C LEU A 72 -10.68 18.25 17.57
N ASP A 73 -11.32 17.10 17.77
CA ASP A 73 -12.49 16.69 17.00
C ASP A 73 -13.57 17.76 17.04
N ASP A 74 -13.78 18.33 18.23
CA ASP A 74 -14.78 19.38 18.41
C ASP A 74 -14.33 20.63 17.63
N LEU A 75 -13.04 20.90 17.66
CA LEU A 75 -12.48 22.04 16.95
C LEU A 75 -12.84 21.88 15.47
N MET A 76 -12.41 20.77 14.88
CA MET A 76 -12.68 20.50 13.48
C MET A 76 -14.15 20.49 13.09
N VAL A 77 -15.01 19.92 13.93
CA VAL A 77 -16.43 19.88 13.62
C VAL A 77 -17.02 21.30 13.51
N ALA A 78 -16.53 22.21 14.32
CA ALA A 78 -17.00 23.59 14.29
C ALA A 78 -16.46 24.25 13.02
N ALA A 79 -15.17 24.07 12.75
CA ALA A 79 -14.50 24.62 11.58
C ALA A 79 -15.15 24.14 10.29
N LEU A 80 -15.46 22.86 10.24
CA LEU A 80 -16.08 22.29 9.06
C LEU A 80 -17.49 22.84 8.90
N ARG A 81 -18.19 22.99 10.01
CA ARG A 81 -19.57 23.50 9.98
C ARG A 81 -19.63 24.95 9.51
N GLN A 82 -18.59 25.71 9.80
CA GLN A 82 -18.52 27.10 9.38
C GLN A 82 -18.08 27.22 7.92
N ALA A 83 -17.09 26.43 7.52
CA ALA A 83 -16.62 26.47 6.14
C ALA A 83 -17.70 25.95 5.20
N ASN A 84 -18.41 24.90 5.61
CA ASN A 84 -19.47 24.31 4.80
C ASN A 84 -20.57 25.29 4.42
N GLU A 85 -20.61 26.46 5.05
CA GLU A 85 -21.65 27.43 4.74
C GLU A 85 -21.39 28.23 3.47
N GLY A 86 -20.14 28.25 3.03
CA GLY A 86 -19.81 28.99 1.82
C GLY A 86 -20.75 28.64 0.68
N PHE A 87 -20.90 27.36 0.42
CA PHE A 87 -21.76 26.91 -0.67
C PHE A 87 -23.21 27.43 -0.63
N ALA A 88 -23.79 27.55 0.56
CA ALA A 88 -25.17 28.05 0.66
C ALA A 88 -25.21 29.50 0.15
N ARG A 89 -24.18 30.25 0.49
CA ARG A 89 -24.09 31.64 0.08
C ARG A 89 -24.07 31.77 -1.44
N VAL A 90 -23.24 30.99 -2.11
CA VAL A 90 -23.14 31.07 -3.56
C VAL A 90 -24.44 30.72 -4.29
N VAL A 91 -25.31 29.94 -3.64
CA VAL A 91 -26.57 29.56 -4.26
C VAL A 91 -27.51 30.76 -4.12
N ALA A 92 -27.28 31.53 -3.05
CA ALA A 92 -28.06 32.72 -2.76
C ALA A 92 -27.72 33.81 -3.78
N ALA A 93 -26.43 33.98 -4.05
CA ALA A 93 -25.94 34.98 -4.99
C ALA A 93 -26.18 34.58 -6.43
N HIS A 94 -26.74 33.39 -6.62
CA HIS A 94 -27.06 32.87 -7.94
C HIS A 94 -28.47 32.31 -7.78
N PRO A 95 -29.46 33.20 -7.85
CA PRO A 95 -30.86 32.78 -7.70
C PRO A 95 -31.22 31.82 -8.81
N ALA A 96 -30.48 31.92 -9.91
CA ALA A 96 -30.69 31.09 -11.09
C ALA A 96 -30.68 29.60 -10.77
N LEU A 97 -30.17 29.24 -9.60
CA LEU A 97 -30.10 27.84 -9.19
C LEU A 97 -31.35 27.42 -8.43
N SER A 98 -32.08 28.39 -7.90
CA SER A 98 -33.31 28.10 -7.17
C SER A 98 -34.47 28.16 -8.14
N ASP A 99 -34.22 28.71 -9.33
CA ASP A 99 -35.23 28.84 -10.37
C ASP A 99 -35.60 27.48 -10.99
N PRO A 100 -36.78 26.94 -10.63
CA PRO A 100 -37.24 25.65 -11.15
C PRO A 100 -37.23 25.57 -12.68
N GLU A 101 -37.28 26.73 -13.33
CA GLU A 101 -37.29 26.80 -14.78
C GLU A 101 -35.95 27.31 -15.32
N ALA A 102 -34.87 26.68 -14.87
CA ALA A 102 -33.54 27.05 -15.33
C ALA A 102 -32.66 25.83 -15.39
N ASP A 103 -31.79 25.79 -16.40
CA ASP A 103 -30.86 24.68 -16.61
C ASP A 103 -29.96 24.48 -15.39
N LEU A 104 -30.39 23.62 -14.47
CA LEU A 104 -29.63 23.37 -13.26
C LEU A 104 -28.21 22.91 -13.60
N SER A 105 -28.10 21.98 -14.55
CA SER A 105 -26.82 21.43 -14.96
C SER A 105 -25.78 22.49 -15.28
N GLY A 106 -26.09 23.31 -16.28
CA GLY A 106 -25.18 24.37 -16.70
C GLY A 106 -24.97 25.41 -15.61
N GLU A 107 -26.03 25.71 -14.87
CA GLU A 107 -25.93 26.68 -13.81
C GLU A 107 -24.98 26.14 -12.75
N LEU A 108 -25.14 24.87 -12.40
CA LEU A 108 -24.27 24.22 -11.42
C LEU A 108 -22.84 24.13 -11.94
N ALA A 109 -22.68 23.66 -13.17
CA ALA A 109 -21.35 23.55 -13.78
C ALA A 109 -20.59 24.88 -13.70
N ARG A 110 -21.34 25.98 -13.66
CA ARG A 110 -20.77 27.33 -13.57
C ARG A 110 -20.30 27.66 -12.16
N VAL A 111 -21.19 27.59 -11.20
CA VAL A 111 -20.81 27.90 -9.83
C VAL A 111 -19.63 27.04 -9.44
N LEU A 112 -19.52 25.88 -10.07
CA LEU A 112 -18.45 24.96 -9.77
C LEU A 112 -17.12 25.39 -10.38
N GLY A 113 -17.17 25.95 -11.58
CA GLY A 113 -15.95 26.39 -12.24
C GLY A 113 -15.40 27.63 -11.58
N GLU A 114 -16.30 28.40 -10.98
CA GLU A 114 -15.92 29.63 -10.30
C GLU A 114 -15.14 29.24 -9.05
N TRP A 115 -15.67 28.27 -8.31
CA TRP A 115 -15.05 27.81 -7.09
C TRP A 115 -13.71 27.09 -7.32
N LEU A 116 -13.62 26.33 -8.41
CA LEU A 116 -12.39 25.60 -8.73
C LEU A 116 -11.37 26.37 -9.58
N GLY A 117 -11.68 27.60 -9.96
CA GLY A 117 -10.76 28.35 -10.79
C GLY A 117 -10.02 29.47 -10.08
N GLY A 118 -10.50 29.88 -8.91
CA GLY A 118 -9.85 30.97 -8.21
C GLY A 118 -9.26 30.67 -6.85
N ASP A 119 -7.95 30.42 -6.80
CA ASP A 119 -7.24 30.12 -5.55
C ASP A 119 -7.85 28.90 -4.86
N ARG A 120 -7.08 27.81 -4.87
CA ARG A 120 -7.51 26.54 -4.28
C ARG A 120 -7.40 26.43 -2.76
N THR A 121 -6.84 27.43 -2.10
CA THR A 121 -6.69 27.34 -0.65
C THR A 121 -8.03 27.25 0.04
N GLY A 122 -9.05 27.87 -0.53
CA GLY A 122 -10.37 27.80 0.04
C GLY A 122 -10.92 26.41 -0.23
N VAL A 123 -10.85 26.01 -1.50
CA VAL A 123 -11.31 24.70 -1.94
C VAL A 123 -10.61 23.56 -1.21
N GLU A 124 -9.30 23.71 -1.00
CA GLU A 124 -8.52 22.69 -0.32
C GLU A 124 -8.82 22.55 1.17
N LEU A 125 -8.77 23.65 1.91
CA LEU A 125 -9.03 23.57 3.34
C LEU A 125 -10.42 23.04 3.63
N GLU A 126 -11.40 23.42 2.82
CA GLU A 126 -12.74 22.91 3.09
C GLU A 126 -12.79 21.42 2.84
N TYR A 127 -12.19 20.97 1.73
CA TYR A 127 -12.19 19.56 1.42
C TYR A 127 -11.43 18.74 2.45
N GLU A 128 -10.23 19.19 2.82
CA GLU A 128 -9.45 18.45 3.79
C GLU A 128 -10.28 18.20 5.05
N LEU A 129 -10.96 19.24 5.54
CA LEU A 129 -11.77 19.07 6.74
C LEU A 129 -12.91 18.06 6.49
N TYR A 130 -13.59 18.20 5.37
CA TYR A 130 -14.68 17.29 5.02
C TYR A 130 -14.20 15.84 4.85
N LEU A 131 -13.15 15.64 4.05
CA LEU A 131 -12.62 14.30 3.81
C LEU A 131 -12.02 13.73 5.07
N ALA A 132 -11.78 14.56 6.07
CA ALA A 132 -11.20 14.12 7.32
C ALA A 132 -12.17 13.18 8.02
N ALA A 133 -13.45 13.36 7.69
CA ALA A 133 -14.48 12.53 8.26
C ALA A 133 -14.11 11.06 8.05
N LEU A 134 -13.45 10.78 6.93
CA LEU A 134 -13.08 9.41 6.59
C LEU A 134 -12.75 8.52 7.77
N ARG A 135 -11.94 9.03 8.68
CA ARG A 135 -11.55 8.20 9.81
C ARG A 135 -11.79 8.83 11.16
N ARG A 136 -12.52 9.94 11.21
CA ARG A 136 -12.80 10.57 12.48
C ARG A 136 -14.31 10.69 12.61
N PRO A 137 -14.98 9.61 13.06
CA PRO A 137 -16.43 9.51 13.24
C PRO A 137 -17.09 10.81 13.70
N ALA A 138 -16.38 11.59 14.52
CA ALA A 138 -16.92 12.85 14.99
C ALA A 138 -17.51 13.63 13.82
N LEU A 139 -16.67 13.87 12.81
CA LEU A 139 -17.05 14.62 11.62
C LEU A 139 -18.09 14.02 10.70
N ARG A 140 -18.36 12.73 10.81
CA ARG A 140 -19.34 12.08 9.93
C ARG A 140 -20.66 12.85 9.88
N PRO A 141 -21.29 13.07 11.05
CA PRO A 141 -22.55 13.80 11.06
C PRO A 141 -22.49 15.16 10.33
N VAL A 142 -21.41 15.92 10.55
CA VAL A 142 -21.25 17.22 9.88
C VAL A 142 -21.19 17.01 8.37
N ALA A 143 -20.32 16.11 7.94
CA ALA A 143 -20.17 15.81 6.52
C ALA A 143 -21.50 15.36 5.91
N ALA A 144 -22.36 14.76 6.72
CA ALA A 144 -23.67 14.29 6.27
C ALA A 144 -24.70 15.41 6.26
N GLU A 145 -24.55 16.37 7.18
CA GLU A 145 -25.46 17.51 7.27
C GLU A 145 -25.46 18.21 5.94
N TRP A 146 -24.28 18.72 5.61
CA TRP A 146 -24.03 19.44 4.38
C TRP A 146 -24.46 18.61 3.16
N ALA A 147 -24.42 17.29 3.29
CA ALA A 147 -24.82 16.40 2.20
C ALA A 147 -26.31 16.50 1.85
N GLU A 148 -27.17 16.65 2.86
CA GLU A 148 -28.61 16.78 2.57
C GLU A 148 -28.96 18.23 2.33
N GLY A 149 -28.24 19.13 3.00
CA GLY A 149 -28.48 20.55 2.81
C GLY A 149 -28.45 20.80 1.32
N VAL A 150 -27.28 20.55 0.72
CA VAL A 150 -27.07 20.71 -0.71
C VAL A 150 -28.10 19.88 -1.48
N GLY A 151 -28.50 18.76 -0.87
CA GLY A 151 -29.49 17.91 -1.50
C GLY A 151 -30.78 18.69 -1.62
N ALA A 152 -31.53 18.79 -0.53
CA ALA A 152 -32.78 19.52 -0.49
C ALA A 152 -32.66 20.92 -1.14
N LEU A 153 -31.57 21.62 -0.86
CA LEU A 153 -31.37 22.97 -1.42
C LEU A 153 -31.48 22.96 -2.94
N LEU A 154 -31.70 21.78 -3.51
CA LEU A 154 -31.88 21.58 -4.95
C LEU A 154 -32.35 20.16 -5.23
N ALA A 155 -33.05 19.59 -4.25
CA ALA A 155 -33.61 18.24 -4.30
C ALA A 155 -35.11 18.43 -4.42
N ALA A 156 -35.63 19.31 -3.55
CA ALA A 156 -37.05 19.66 -3.53
C ALA A 156 -37.52 19.87 -4.96
N ARG A 157 -36.56 20.11 -5.86
CA ARG A 157 -36.84 20.26 -7.28
C ARG A 157 -37.14 18.83 -7.73
N THR A 158 -38.02 18.18 -6.97
CA THR A 158 -38.48 16.81 -7.18
C THR A 158 -37.38 15.75 -7.34
N ASP A 159 -37.77 14.50 -7.09
CA ASP A 159 -36.91 13.34 -7.17
C ASP A 159 -35.94 13.22 -6.01
N PRO A 160 -36.18 12.26 -5.11
CA PRO A 160 -35.34 12.02 -3.93
C PRO A 160 -33.97 11.51 -4.36
N THR A 161 -33.99 10.52 -5.25
CA THR A 161 -32.77 9.93 -5.77
C THR A 161 -31.83 11.01 -6.30
N THR A 162 -32.23 11.67 -7.38
CA THR A 162 -31.43 12.74 -7.98
C THR A 162 -30.83 13.64 -6.92
N ALA A 163 -31.57 13.80 -5.82
CA ALA A 163 -31.16 14.64 -4.71
C ALA A 163 -29.86 14.16 -4.06
N ARG A 164 -29.81 12.91 -3.64
CA ARG A 164 -28.59 12.41 -3.01
C ARG A 164 -27.49 12.09 -4.02
N ALA A 165 -27.86 11.76 -5.25
CA ALA A 165 -26.85 11.46 -6.26
C ALA A 165 -26.15 12.76 -6.68
N LEU A 166 -26.83 13.88 -6.48
CA LEU A 166 -26.26 15.17 -6.84
C LEU A 166 -25.01 15.48 -6.04
N VAL A 167 -25.09 15.24 -4.75
CA VAL A 167 -23.95 15.49 -3.88
C VAL A 167 -22.77 14.61 -4.27
N ALA A 168 -23.04 13.32 -4.45
CA ALA A 168 -21.99 12.38 -4.83
C ALA A 168 -21.34 12.72 -6.17
N VAL A 169 -22.14 13.07 -7.19
CA VAL A 169 -21.57 13.42 -8.50
C VAL A 169 -20.72 14.69 -8.41
N LEU A 170 -21.10 15.58 -7.50
CA LEU A 170 -20.36 16.82 -7.32
C LEU A 170 -18.98 16.52 -6.74
N ASP A 171 -18.97 15.76 -5.62
CA ASP A 171 -17.73 15.34 -4.97
C ASP A 171 -16.81 14.66 -6.00
N GLY A 172 -17.37 13.72 -6.74
CA GLY A 172 -16.59 13.03 -7.73
C GLY A 172 -16.01 13.99 -8.75
N ILE A 173 -16.87 14.80 -9.35
CA ILE A 173 -16.42 15.76 -10.36
C ILE A 173 -15.31 16.63 -9.79
N CYS A 174 -15.41 16.99 -8.52
CA CYS A 174 -14.42 17.84 -7.87
C CYS A 174 -13.11 17.15 -7.62
N LEU A 175 -13.15 16.08 -6.84
CA LEU A 175 -11.95 15.34 -6.52
C LEU A 175 -11.21 14.87 -7.77
N GLN A 176 -11.96 14.63 -8.85
CA GLN A 176 -11.36 14.18 -10.12
C GLN A 176 -10.42 15.26 -10.62
N VAL A 177 -10.73 16.49 -10.24
CA VAL A 177 -9.93 17.64 -10.61
C VAL A 177 -8.83 17.81 -9.57
N LEU A 178 -9.23 18.04 -8.33
CA LEU A 178 -8.32 18.25 -7.23
C LEU A 178 -7.24 17.19 -6.97
N LEU A 179 -7.54 15.93 -7.26
CA LEU A 179 -6.59 14.84 -7.00
C LEU A 179 -5.66 14.43 -8.16
N THR A 180 -6.11 14.58 -9.40
CA THR A 180 -5.30 14.20 -10.56
C THR A 180 -4.56 15.39 -11.15
N ASP A 181 -4.92 16.57 -10.69
CA ASP A 181 -4.26 17.76 -11.18
C ASP A 181 -4.52 17.91 -12.68
N THR A 182 -5.79 17.82 -13.07
CA THR A 182 -6.21 18.01 -14.46
C THR A 182 -7.34 19.05 -14.41
N PRO A 183 -7.28 20.08 -15.27
CA PRO A 183 -8.26 21.17 -15.36
C PRO A 183 -9.73 20.78 -15.28
N TYR A 184 -10.54 21.67 -14.75
CA TYR A 184 -11.97 21.47 -14.60
C TYR A 184 -12.68 21.68 -15.93
N ASP A 185 -13.11 20.59 -16.58
CA ASP A 185 -13.80 20.68 -17.88
C ASP A 185 -15.28 20.96 -17.63
N GLU A 186 -15.68 22.21 -17.80
CA GLU A 186 -17.07 22.61 -17.55
C GLU A 186 -18.15 21.93 -18.36
N GLU A 187 -17.99 21.89 -19.69
CA GLU A 187 -19.01 21.25 -20.53
C GLU A 187 -19.11 19.77 -20.19
N TYR A 188 -18.00 19.21 -19.71
CA TYR A 188 -17.97 17.82 -19.30
C TYR A 188 -18.79 17.67 -18.02
N ALA A 189 -18.56 18.57 -17.07
CA ALA A 189 -19.28 18.53 -15.82
C ALA A 189 -20.75 18.65 -16.14
N ARG A 190 -21.09 19.60 -17.01
CA ARG A 190 -22.47 19.83 -17.41
C ARG A 190 -23.07 18.55 -18.00
N GLU A 191 -22.33 17.88 -18.87
CA GLU A 191 -22.80 16.65 -19.49
C GLU A 191 -23.17 15.64 -18.41
N VAL A 192 -22.21 15.38 -17.53
CA VAL A 192 -22.40 14.44 -16.44
C VAL A 192 -23.64 14.84 -15.62
N LEU A 193 -23.69 16.11 -15.23
CA LEU A 193 -24.81 16.62 -14.44
C LEU A 193 -26.15 16.44 -15.17
N THR A 194 -26.16 16.83 -16.44
CA THR A 194 -27.35 16.72 -17.26
C THR A 194 -27.80 15.26 -17.32
N ARG A 195 -26.84 14.32 -17.37
CA ARG A 195 -27.19 12.91 -17.42
C ARG A 195 -27.85 12.47 -16.13
N LEU A 196 -27.48 13.12 -15.03
CA LEU A 196 -28.02 12.77 -13.72
C LEU A 196 -29.42 13.32 -13.49
N ILE A 197 -29.59 14.61 -13.80
CA ILE A 197 -30.86 15.31 -13.61
C ILE A 197 -32.03 14.79 -14.43
N HIS B 25 18.30 -2.60 -7.23
CA HIS B 25 17.23 -3.50 -6.69
C HIS B 25 17.60 -4.16 -5.35
N ASP B 26 16.58 -4.49 -4.58
CA ASP B 26 16.69 -5.15 -3.26
C ASP B 26 15.25 -5.47 -2.85
N PRO B 27 14.42 -6.00 -3.79
CA PRO B 27 13.02 -6.36 -3.59
C PRO B 27 12.53 -6.74 -2.21
N GLU B 28 13.19 -7.43 -1.41
CA GLU B 28 12.52 -7.80 -0.31
C GLU B 28 12.60 -7.00 0.73
N ARG B 29 13.71 -6.53 1.02
CA ARG B 29 13.73 -5.46 2.02
C ARG B 29 12.81 -4.29 1.62
N ARG B 30 12.80 -3.95 0.33
CA ARG B 30 11.95 -2.86 -0.15
C ARG B 30 10.49 -3.26 0.01
N GLN B 31 10.16 -4.46 -0.43
CA GLN B 31 8.80 -4.98 -0.35
C GLN B 31 8.29 -5.07 1.08
N ARG B 32 9.12 -5.56 2.00
CA ARG B 32 8.71 -5.65 3.40
C ARG B 32 8.35 -4.24 3.89
N ILE B 33 9.19 -3.27 3.55
CA ILE B 33 8.98 -1.89 3.94
C ILE B 33 7.64 -1.33 3.47
N ILE B 34 7.30 -1.57 2.20
CA ILE B 34 6.02 -1.09 1.68
C ILE B 34 4.88 -1.73 2.48
N ASP B 35 4.89 -3.04 2.63
CA ASP B 35 3.85 -3.74 3.39
C ASP B 35 3.69 -3.15 4.78
N ALA B 36 4.80 -2.83 5.44
CA ALA B 36 4.75 -2.26 6.77
C ALA B 36 4.22 -0.83 6.73
N ALA B 37 4.36 -0.17 5.59
CA ALA B 37 3.87 1.18 5.44
C ALA B 37 2.35 1.09 5.43
N ILE B 38 1.84 0.17 4.61
CA ILE B 38 0.41 -0.08 4.52
C ILE B 38 -0.10 -0.50 5.90
N ARG B 39 0.63 -1.39 6.57
CA ARG B 39 0.23 -1.82 7.90
C ARG B 39 0.25 -0.63 8.88
N VAL B 40 1.27 0.21 8.81
CA VAL B 40 1.34 1.34 9.72
C VAL B 40 0.22 2.33 9.48
N VAL B 41 -0.10 2.60 8.22
CA VAL B 41 -1.17 3.54 7.87
C VAL B 41 -2.52 3.08 8.35
N GLY B 42 -2.88 1.85 8.00
CA GLY B 42 -4.17 1.31 8.42
C GLY B 42 -4.34 1.34 9.93
N GLN B 43 -3.26 1.17 10.66
CA GLN B 43 -3.29 1.15 12.13
C GLN B 43 -3.24 2.53 12.80
N LYS B 44 -2.23 3.34 12.46
CA LYS B 44 -2.12 4.66 13.08
C LYS B 44 -2.45 5.79 12.13
N GLY B 45 -2.70 5.47 10.87
CA GLY B 45 -3.04 6.49 9.88
C GLY B 45 -1.87 7.28 9.32
N ILE B 46 -2.10 7.99 8.23
CA ILE B 46 -1.04 8.78 7.60
C ILE B 46 -0.23 9.60 8.61
N ALA B 47 -0.82 9.93 9.74
CA ALA B 47 -0.10 10.71 10.74
C ALA B 47 0.94 9.86 11.45
N GLY B 48 0.72 8.55 11.51
CA GLY B 48 1.68 7.70 12.19
C GLY B 48 2.63 7.04 11.21
N LEU B 49 2.92 7.73 10.11
CA LEU B 49 3.81 7.17 9.10
C LEU B 49 5.12 7.92 8.95
N SER B 50 6.15 7.44 9.65
CA SER B 50 7.48 8.04 9.59
C SER B 50 8.47 6.92 9.29
N HIS B 51 9.72 7.27 8.97
CA HIS B 51 10.71 6.24 8.68
C HIS B 51 10.96 5.36 9.90
N ARG B 52 10.96 5.93 11.11
CA ARG B 52 11.21 5.11 12.29
C ARG B 52 10.14 4.04 12.53
N THR B 53 8.88 4.39 12.28
CA THR B 53 7.78 3.46 12.49
C THR B 53 7.66 2.45 11.36
N VAL B 54 8.05 2.83 10.15
CA VAL B 54 8.00 1.88 9.06
C VAL B 54 9.16 0.92 9.31
N ALA B 55 10.26 1.47 9.79
CA ALA B 55 11.42 0.68 10.07
C ALA B 55 11.03 -0.35 11.11
N ALA B 56 10.33 0.12 12.13
CA ALA B 56 9.88 -0.72 13.22
C ALA B 56 8.90 -1.78 12.73
N GLU B 57 7.80 -1.35 12.13
CA GLU B 57 6.83 -2.33 11.67
C GLU B 57 7.39 -3.31 10.66
N ALA B 58 8.38 -2.90 9.90
CA ALA B 58 8.96 -3.77 8.88
C ALA B 58 10.06 -4.60 9.50
N ASP B 59 10.57 -4.13 10.62
CA ASP B 59 11.64 -4.79 11.32
C ASP B 59 12.88 -4.91 10.43
N VAL B 60 13.25 -3.78 9.84
CA VAL B 60 14.42 -3.67 8.97
C VAL B 60 15.12 -2.45 9.57
N PRO B 61 16.41 -2.25 9.25
CA PRO B 61 17.14 -1.11 9.79
C PRO B 61 16.72 0.21 9.19
N LEU B 62 16.63 1.21 10.05
CA LEU B 62 16.23 2.56 9.65
C LEU B 62 16.89 3.01 8.33
N GLY B 63 18.19 2.77 8.19
CA GLY B 63 18.90 3.17 6.99
C GLY B 63 18.37 2.55 5.71
N SER B 64 17.80 1.35 5.80
CA SER B 64 17.25 0.67 4.63
C SER B 64 15.98 1.39 4.16
N THR B 65 15.26 1.94 5.13
CA THR B 65 14.04 2.65 4.79
C THR B 65 14.39 3.96 4.09
N THR B 66 15.28 4.77 4.69
CA THR B 66 15.68 6.03 4.09
C THR B 66 16.44 5.80 2.79
N TYR B 67 17.00 4.62 2.64
CA TYR B 67 17.71 4.31 1.41
C TYR B 67 16.72 4.08 0.25
N HIS B 68 15.70 3.27 0.47
CA HIS B 68 14.72 2.98 -0.59
C HIS B 68 13.66 4.05 -0.86
N PHE B 69 13.32 4.83 0.16
CA PHE B 69 12.35 5.91 0.00
C PHE B 69 12.93 7.13 0.71
N ALA B 70 13.68 7.93 -0.04
CA ALA B 70 14.30 9.12 0.52
C ALA B 70 13.29 9.99 1.24
N THR B 71 12.16 10.26 0.58
CA THR B 71 11.10 11.09 1.16
C THR B 71 9.89 10.27 1.56
N LEU B 72 9.06 10.84 2.42
CA LEU B 72 7.84 10.18 2.85
C LEU B 72 6.89 10.02 1.68
N ASP B 73 6.87 11.01 0.78
CA ASP B 73 6.02 10.97 -0.41
C ASP B 73 6.33 9.73 -1.28
N ASP B 74 7.63 9.44 -1.43
CA ASP B 74 8.07 8.29 -2.21
C ASP B 74 7.45 7.05 -1.61
N LEU B 75 7.51 6.93 -0.29
CA LEU B 75 6.96 5.79 0.42
C LEU B 75 5.44 5.69 0.27
N MET B 76 4.75 6.81 0.34
CA MET B 76 3.30 6.81 0.21
C MET B 76 2.92 6.49 -1.22
N VAL B 77 3.67 7.07 -2.15
CA VAL B 77 3.39 6.82 -3.56
C VAL B 77 3.49 5.33 -3.86
N ALA B 78 4.49 4.67 -3.28
CA ALA B 78 4.68 3.25 -3.53
C ALA B 78 3.59 2.44 -2.86
N ALA B 79 3.17 2.86 -1.66
CA ALA B 79 2.11 2.17 -0.92
C ALA B 79 0.77 2.22 -1.67
N LEU B 80 0.34 3.44 -2.03
CA LEU B 80 -0.91 3.59 -2.75
C LEU B 80 -0.84 2.82 -4.06
N ARG B 81 0.30 2.93 -4.73
CA ARG B 81 0.52 2.24 -5.99
C ARG B 81 0.23 0.76 -5.82
N GLN B 82 0.61 0.22 -4.67
CA GLN B 82 0.39 -1.18 -4.41
C GLN B 82 -1.05 -1.47 -4.03
N ALA B 83 -1.69 -0.53 -3.33
CA ALA B 83 -3.09 -0.72 -2.94
C ALA B 83 -3.96 -0.81 -4.21
N ASN B 84 -3.61 -0.02 -5.22
CA ASN B 84 -4.34 -0.02 -6.50
C ASN B 84 -4.22 -1.40 -7.16
N GLU B 85 -3.03 -2.00 -7.06
CA GLU B 85 -2.74 -3.33 -7.62
C GLU B 85 -3.87 -4.31 -7.32
N GLY B 86 -4.46 -4.17 -6.13
CA GLY B 86 -5.53 -5.07 -5.70
C GLY B 86 -6.88 -4.88 -6.36
N PHE B 87 -7.19 -3.67 -6.81
CA PHE B 87 -8.46 -3.45 -7.46
C PHE B 87 -8.47 -4.33 -8.70
N ALA B 88 -7.38 -4.26 -9.46
CA ALA B 88 -7.24 -5.05 -10.67
C ALA B 88 -7.58 -6.51 -10.37
N ARG B 89 -6.95 -7.08 -9.34
CA ARG B 89 -7.23 -8.46 -9.00
C ARG B 89 -8.73 -8.72 -8.83
N VAL B 90 -9.42 -7.78 -8.22
CA VAL B 90 -10.86 -7.92 -8.00
C VAL B 90 -11.64 -7.95 -9.32
N VAL B 91 -11.21 -7.13 -10.26
CA VAL B 91 -11.84 -7.08 -11.57
C VAL B 91 -11.58 -8.38 -12.30
N ALA B 92 -10.42 -8.98 -12.01
CA ALA B 92 -10.02 -10.24 -12.63
C ALA B 92 -10.84 -11.43 -12.14
N ALA B 93 -11.27 -11.40 -10.89
CA ALA B 93 -12.06 -12.48 -10.32
C ALA B 93 -13.55 -12.36 -10.68
N HIS B 94 -13.97 -11.19 -11.18
CA HIS B 94 -15.37 -10.96 -11.55
C HIS B 94 -15.52 -10.67 -13.04
N PRO B 95 -15.56 -11.74 -13.87
CA PRO B 95 -15.69 -11.74 -15.34
C PRO B 95 -16.89 -10.97 -15.92
N ALA B 96 -17.94 -10.81 -15.12
CA ALA B 96 -19.12 -10.09 -15.55
C ALA B 96 -18.81 -8.64 -15.93
N LEU B 97 -17.75 -8.09 -15.34
CA LEU B 97 -17.33 -6.72 -15.62
C LEU B 97 -16.76 -6.55 -17.02
N SER B 98 -16.24 -7.66 -17.57
CA SER B 98 -15.65 -7.67 -18.89
C SER B 98 -16.57 -8.29 -19.93
N ASP B 99 -17.60 -8.99 -19.45
CA ASP B 99 -18.59 -9.61 -20.34
C ASP B 99 -19.49 -8.50 -20.86
N PRO B 100 -19.25 -8.03 -22.10
CA PRO B 100 -20.07 -6.96 -22.66
C PRO B 100 -21.51 -7.42 -22.83
N GLU B 101 -21.86 -8.47 -22.10
CA GLU B 101 -23.18 -9.08 -22.15
C GLU B 101 -23.87 -8.93 -20.78
N ALA B 102 -23.18 -8.30 -19.84
CA ALA B 102 -23.73 -8.12 -18.50
C ALA B 102 -24.03 -6.66 -18.20
N ASP B 103 -24.90 -6.44 -17.21
CA ASP B 103 -25.27 -5.09 -16.79
C ASP B 103 -24.08 -4.48 -16.04
N LEU B 104 -23.43 -3.49 -16.65
CA LEU B 104 -22.29 -2.87 -15.99
C LEU B 104 -22.72 -2.29 -14.65
N SER B 105 -23.81 -1.53 -14.65
CA SER B 105 -24.31 -0.91 -13.44
C SER B 105 -24.52 -1.88 -12.30
N GLY B 106 -25.44 -2.82 -12.50
CA GLY B 106 -25.72 -3.77 -11.45
C GLY B 106 -24.50 -4.52 -10.97
N GLU B 107 -23.58 -4.80 -11.90
CA GLU B 107 -22.35 -5.55 -11.60
C GLU B 107 -21.39 -4.72 -10.76
N LEU B 108 -21.22 -3.45 -11.13
CA LEU B 108 -20.33 -2.54 -10.42
C LEU B 108 -20.84 -2.30 -9.00
N ALA B 109 -22.10 -1.95 -8.89
CA ALA B 109 -22.71 -1.71 -7.59
C ALA B 109 -22.40 -2.87 -6.65
N ARG B 110 -22.49 -4.06 -7.21
CA ARG B 110 -22.24 -5.26 -6.43
C ARG B 110 -20.81 -5.33 -5.93
N VAL B 111 -19.84 -5.15 -6.83
CA VAL B 111 -18.44 -5.19 -6.44
C VAL B 111 -18.17 -4.17 -5.33
N LEU B 112 -18.75 -2.98 -5.47
CA LEU B 112 -18.59 -1.93 -4.47
C LEU B 112 -19.18 -2.41 -3.18
N GLY B 113 -20.37 -3.00 -3.26
CA GLY B 113 -20.99 -3.50 -2.05
C GLY B 113 -20.01 -4.40 -1.32
N GLU B 114 -19.40 -5.33 -2.03
CA GLU B 114 -18.45 -6.27 -1.44
C GLU B 114 -17.23 -5.57 -0.87
N TRP B 115 -16.70 -4.60 -1.60
CA TRP B 115 -15.52 -3.90 -1.12
C TRP B 115 -15.83 -3.10 0.15
N LEU B 116 -16.93 -2.36 0.11
CA LEU B 116 -17.35 -1.52 1.24
C LEU B 116 -17.67 -2.34 2.48
N GLY B 117 -18.34 -3.46 2.29
CA GLY B 117 -18.68 -4.32 3.41
C GLY B 117 -17.61 -5.35 3.58
N GLY B 118 -16.91 -5.34 4.71
CA GLY B 118 -15.86 -6.31 4.92
C GLY B 118 -14.49 -5.71 5.24
N ASP B 119 -14.38 -5.16 6.44
CA ASP B 119 -13.17 -4.53 6.95
C ASP B 119 -12.85 -3.19 6.28
N ARG B 120 -13.24 -2.12 6.96
CA ARG B 120 -12.99 -0.80 6.44
C ARG B 120 -11.54 -0.37 6.62
N THR B 121 -10.76 -1.14 7.37
CA THR B 121 -9.36 -0.76 7.54
C THR B 121 -8.71 -0.76 6.16
N GLY B 122 -9.00 -1.78 5.37
CA GLY B 122 -8.44 -1.83 4.03
C GLY B 122 -8.99 -0.68 3.21
N VAL B 123 -10.27 -0.42 3.35
CA VAL B 123 -10.94 0.63 2.60
C VAL B 123 -10.48 2.03 3.03
N GLU B 124 -10.53 2.30 4.32
CA GLU B 124 -10.12 3.59 4.84
C GLU B 124 -8.67 3.84 4.49
N LEU B 125 -7.83 2.84 4.72
CA LEU B 125 -6.40 2.92 4.44
C LEU B 125 -6.15 3.42 3.02
N GLU B 126 -6.66 2.67 2.05
CA GLU B 126 -6.47 3.02 0.66
C GLU B 126 -7.01 4.40 0.34
N TYR B 127 -8.18 4.72 0.89
CA TYR B 127 -8.78 6.03 0.62
C TYR B 127 -8.00 7.17 1.21
N GLU B 128 -7.40 6.94 2.37
CA GLU B 128 -6.65 7.99 3.02
C GLU B 128 -5.46 8.36 2.17
N LEU B 129 -4.74 7.35 1.70
CA LEU B 129 -3.58 7.57 0.84
C LEU B 129 -4.01 8.30 -0.43
N TYR B 130 -5.07 7.82 -1.05
CA TYR B 130 -5.62 8.42 -2.27
C TYR B 130 -6.02 9.88 -2.06
N LEU B 131 -6.85 10.14 -1.05
CA LEU B 131 -7.32 11.49 -0.78
C LEU B 131 -6.18 12.44 -0.40
N ALA B 132 -5.08 11.87 0.06
CA ALA B 132 -3.92 12.67 0.45
C ALA B 132 -3.35 13.48 -0.73
N ALA B 133 -3.64 13.03 -1.95
CA ALA B 133 -3.19 13.71 -3.16
C ALA B 133 -3.65 15.16 -3.21
N LEU B 134 -4.69 15.47 -2.45
CA LEU B 134 -5.25 16.81 -2.39
C LEU B 134 -4.18 17.87 -2.08
N ARG B 135 -3.31 17.57 -1.12
CA ARG B 135 -2.27 18.52 -0.71
C ARG B 135 -0.88 18.15 -1.18
N ARG B 136 -0.60 16.85 -1.29
CA ARG B 136 0.71 16.37 -1.72
C ARG B 136 0.73 16.09 -3.23
N PRO B 137 1.28 17.01 -4.04
CA PRO B 137 1.36 16.84 -5.50
C PRO B 137 1.97 15.52 -5.95
N ALA B 138 2.88 14.98 -5.15
CA ALA B 138 3.53 13.73 -5.50
C ALA B 138 2.50 12.64 -5.76
N LEU B 139 1.52 12.53 -4.88
CA LEU B 139 0.51 11.49 -5.02
C LEU B 139 -0.49 11.64 -6.17
N ARG B 140 -0.54 12.81 -6.81
CA ARG B 140 -1.50 13.05 -7.89
C ARG B 140 -1.36 12.17 -9.12
N PRO B 141 -0.13 11.95 -9.59
CA PRO B 141 0.01 11.07 -10.75
C PRO B 141 -0.36 9.63 -10.39
N VAL B 142 -0.07 9.20 -9.16
CA VAL B 142 -0.42 7.84 -8.74
C VAL B 142 -1.92 7.75 -8.45
N ALA B 143 -2.54 8.90 -8.18
CA ALA B 143 -3.98 8.92 -7.94
C ALA B 143 -4.60 8.78 -9.31
N ALA B 144 -4.15 9.63 -10.22
CA ALA B 144 -4.62 9.62 -11.60
C ALA B 144 -4.48 8.22 -12.20
N GLU B 145 -3.42 7.49 -11.81
CA GLU B 145 -3.21 6.13 -12.31
C GLU B 145 -4.47 5.33 -12.05
N TRP B 146 -4.82 5.23 -10.78
CA TRP B 146 -6.00 4.50 -10.35
C TRP B 146 -7.20 4.79 -11.27
N ALA B 147 -7.50 6.07 -11.45
CA ALA B 147 -8.61 6.53 -12.26
C ALA B 147 -8.52 6.11 -13.72
N GLU B 148 -7.35 6.31 -14.32
CA GLU B 148 -7.10 5.98 -15.72
C GLU B 148 -7.16 4.49 -15.98
N GLY B 149 -6.89 3.72 -14.93
CA GLY B 149 -6.93 2.27 -15.04
C GLY B 149 -8.30 1.72 -14.69
N VAL B 150 -9.13 2.54 -14.07
CA VAL B 150 -10.47 2.10 -13.70
C VAL B 150 -11.50 2.46 -14.78
N GLY B 151 -11.29 3.60 -15.42
CA GLY B 151 -12.19 3.99 -16.48
C GLY B 151 -11.83 3.10 -17.64
N ALA B 152 -10.63 2.56 -17.56
CA ALA B 152 -10.11 1.67 -18.59
C ALA B 152 -11.12 0.54 -18.82
N LEU B 153 -11.58 -0.05 -17.72
CA LEU B 153 -12.56 -1.13 -17.78
C LEU B 153 -13.94 -0.68 -18.25
N LEU B 154 -14.25 0.59 -18.05
CA LEU B 154 -15.53 1.13 -18.45
C LEU B 154 -15.47 1.72 -19.85
N ALA B 155 -14.28 2.24 -20.20
CA ALA B 155 -14.06 2.82 -21.51
C ALA B 155 -13.94 1.72 -22.57
N ALA B 156 -13.47 0.56 -22.15
CA ALA B 156 -13.34 -0.57 -23.06
C ALA B 156 -14.74 -1.06 -23.46
N ARG B 157 -15.75 -0.65 -22.70
CA ARG B 157 -17.13 -1.05 -22.97
C ARG B 157 -17.95 0.07 -23.61
N THR B 158 -18.02 1.22 -22.94
CA THR B 158 -18.78 2.36 -23.45
C THR B 158 -17.80 3.38 -24.02
N ASP B 159 -18.31 4.54 -24.41
CA ASP B 159 -17.49 5.62 -24.94
C ASP B 159 -16.53 6.13 -23.86
N PRO B 160 -15.66 7.09 -24.20
CA PRO B 160 -14.70 7.63 -23.21
C PRO B 160 -15.29 8.69 -22.28
N THR B 161 -16.25 9.47 -22.77
CA THR B 161 -16.84 10.48 -21.90
C THR B 161 -17.72 9.85 -20.80
N THR B 162 -18.33 8.70 -21.10
CA THR B 162 -19.16 8.00 -20.11
C THR B 162 -18.29 7.30 -19.09
N ALA B 163 -17.06 7.02 -19.50
CA ALA B 163 -16.12 6.34 -18.63
C ALA B 163 -15.65 7.36 -17.61
N ARG B 164 -15.21 8.51 -18.11
CA ARG B 164 -14.74 9.57 -17.24
C ARG B 164 -15.81 9.87 -16.21
N ALA B 165 -17.07 9.88 -16.64
CA ALA B 165 -18.18 10.14 -15.74
C ALA B 165 -18.25 9.08 -14.63
N LEU B 166 -18.49 7.83 -15.04
CA LEU B 166 -18.59 6.69 -14.15
C LEU B 166 -17.48 6.68 -13.08
N VAL B 167 -16.23 6.79 -13.50
CA VAL B 167 -15.15 6.79 -12.53
C VAL B 167 -15.36 7.87 -11.49
N ALA B 168 -15.89 9.00 -11.94
CA ALA B 168 -16.12 10.13 -11.03
C ALA B 168 -17.26 9.86 -10.05
N VAL B 169 -18.42 9.48 -10.60
CA VAL B 169 -19.61 9.19 -9.81
C VAL B 169 -19.36 8.07 -8.82
N LEU B 170 -18.77 7.01 -9.35
CA LEU B 170 -18.46 5.84 -8.56
C LEU B 170 -17.69 6.24 -7.30
N ASP B 171 -16.77 7.17 -7.46
CA ASP B 171 -15.95 7.64 -6.36
C ASP B 171 -16.83 8.35 -5.33
N GLY B 172 -17.71 9.23 -5.82
CA GLY B 172 -18.59 9.99 -4.95
C GLY B 172 -19.60 9.18 -4.16
N ILE B 173 -19.93 7.99 -4.66
CA ILE B 173 -20.86 7.09 -4.00
C ILE B 173 -20.19 6.40 -2.82
N CYS B 174 -18.90 6.09 -2.98
CA CYS B 174 -18.14 5.43 -1.90
C CYS B 174 -17.87 6.44 -0.82
N LEU B 175 -17.50 7.63 -1.25
CA LEU B 175 -17.19 8.70 -0.34
C LEU B 175 -18.43 9.06 0.46
N GLN B 176 -19.59 8.99 -0.18
CA GLN B 176 -20.85 9.32 0.47
C GLN B 176 -21.16 8.32 1.57
N VAL B 177 -20.68 7.10 1.43
CA VAL B 177 -20.92 6.07 2.44
C VAL B 177 -19.86 6.21 3.54
N LEU B 178 -18.61 6.37 3.12
CA LEU B 178 -17.51 6.46 4.07
C LEU B 178 -17.49 7.74 4.90
N LEU B 179 -17.95 8.84 4.31
CA LEU B 179 -17.96 10.12 5.01
C LEU B 179 -19.21 10.40 5.88
N THR B 180 -20.39 10.19 5.32
CA THR B 180 -21.63 10.46 6.04
C THR B 180 -22.02 9.35 7.01
N ASP B 181 -21.36 8.22 6.91
CA ASP B 181 -21.64 7.10 7.78
C ASP B 181 -23.08 6.63 7.63
N THR B 182 -23.54 6.55 6.39
CA THR B 182 -24.88 6.05 6.10
C THR B 182 -24.62 4.84 5.21
N PRO B 183 -25.19 3.68 5.57
CA PRO B 183 -25.01 2.43 4.83
C PRO B 183 -25.08 2.48 3.30
N TYR B 184 -24.39 1.53 2.67
CA TYR B 184 -24.33 1.44 1.22
C TYR B 184 -25.65 0.88 0.69
N ASP B 185 -26.27 1.60 -0.23
CA ASP B 185 -27.52 1.17 -0.85
C ASP B 185 -27.19 0.75 -2.27
N GLU B 186 -27.04 -0.55 -2.47
CA GLU B 186 -26.71 -1.11 -3.78
C GLU B 186 -27.67 -0.78 -4.92
N GLU B 187 -28.98 -0.77 -4.64
CA GLU B 187 -29.98 -0.50 -5.67
C GLU B 187 -29.89 0.95 -6.12
N TYR B 188 -29.77 1.85 -5.14
CA TYR B 188 -29.64 3.27 -5.42
C TYR B 188 -28.42 3.47 -6.30
N ALA B 189 -27.31 2.85 -5.89
CA ALA B 189 -26.04 2.92 -6.60
C ALA B 189 -26.18 2.48 -8.06
N ARG B 190 -26.88 1.36 -8.25
CA ARG B 190 -27.11 0.82 -9.58
C ARG B 190 -27.95 1.79 -10.42
N GLU B 191 -28.88 2.48 -9.78
CA GLU B 191 -29.72 3.40 -10.54
C GLU B 191 -28.95 4.62 -10.98
N VAL B 192 -28.24 5.24 -10.05
CA VAL B 192 -27.45 6.42 -10.39
C VAL B 192 -26.36 6.03 -11.39
N LEU B 193 -25.79 4.83 -11.23
CA LEU B 193 -24.77 4.36 -12.17
C LEU B 193 -25.40 4.14 -13.54
N THR B 194 -26.66 3.74 -13.56
CA THR B 194 -27.35 3.50 -14.81
C THR B 194 -27.60 4.81 -15.57
N ARG B 195 -27.92 5.87 -14.84
CA ARG B 195 -28.18 7.16 -15.49
C ARG B 195 -27.00 7.72 -16.28
N LEU B 196 -25.80 7.21 -16.03
CA LEU B 196 -24.62 7.69 -16.74
C LEU B 196 -24.27 6.90 -17.99
N ILE B 197 -24.35 5.58 -17.89
CA ILE B 197 -24.01 4.73 -19.02
C ILE B 197 -24.97 4.93 -20.17
N GLU C 28 1.95 -14.06 -7.36
CA GLU C 28 2.88 -13.19 -6.57
C GLU C 28 2.79 -13.45 -5.07
N ARG C 29 1.68 -14.05 -4.62
CA ARG C 29 1.52 -14.35 -3.19
C ARG C 29 2.38 -15.56 -2.82
N ARG C 30 2.46 -16.52 -3.73
CA ARG C 30 3.26 -17.71 -3.51
C ARG C 30 4.69 -17.27 -3.24
N GLN C 31 5.18 -16.37 -4.09
CA GLN C 31 6.53 -15.87 -3.97
C GLN C 31 6.83 -15.13 -2.67
N ARG C 32 5.83 -14.46 -2.10
CA ARG C 32 6.06 -13.74 -0.86
C ARG C 32 5.99 -14.63 0.38
N ILE C 33 5.43 -15.84 0.24
CA ILE C 33 5.39 -16.73 1.40
C ILE C 33 6.73 -17.48 1.39
N ILE C 34 7.32 -17.61 0.20
CA ILE C 34 8.62 -18.27 0.06
C ILE C 34 9.65 -17.36 0.72
N ASP C 35 9.50 -16.06 0.51
CA ASP C 35 10.43 -15.10 1.10
C ASP C 35 10.32 -15.15 2.61
N ALA C 36 9.10 -15.29 3.11
CA ALA C 36 8.87 -15.36 4.54
C ALA C 36 9.43 -16.67 5.12
N ALA C 37 9.37 -17.74 4.34
CA ALA C 37 9.90 -19.02 4.79
C ALA C 37 11.41 -18.85 4.88
N ILE C 38 11.96 -18.18 3.87
CA ILE C 38 13.39 -17.92 3.82
C ILE C 38 13.76 -17.09 5.06
N ARG C 39 12.88 -16.16 5.44
CA ARG C 39 13.09 -15.32 6.61
C ARG C 39 13.18 -16.22 7.86
N VAL C 40 12.14 -17.02 8.06
CA VAL C 40 12.07 -17.92 9.20
C VAL C 40 13.30 -18.81 9.30
N VAL C 41 13.91 -19.12 8.16
CA VAL C 41 15.09 -19.98 8.13
C VAL C 41 16.30 -19.26 8.70
N GLY C 42 16.55 -18.04 8.22
CA GLY C 42 17.68 -17.26 8.71
C GLY C 42 17.50 -16.80 10.15
N GLN C 43 16.40 -17.21 10.76
CA GLN C 43 16.11 -16.85 12.14
C GLN C 43 15.63 -18.02 12.99
N LYS C 44 15.82 -19.24 12.51
CA LYS C 44 15.43 -20.43 13.25
C LYS C 44 15.73 -21.76 12.55
N GLY C 45 16.43 -21.68 11.42
CA GLY C 45 16.80 -22.88 10.67
C GLY C 45 15.67 -23.62 9.96
N ILE C 46 16.01 -24.75 9.33
CA ILE C 46 15.03 -25.56 8.62
C ILE C 46 14.07 -26.14 9.66
N ALA C 47 14.62 -26.41 10.84
CA ALA C 47 13.85 -26.99 11.94
C ALA C 47 12.80 -26.03 12.51
N GLY C 48 13.00 -24.74 12.28
CA GLY C 48 12.05 -23.75 12.77
C GLY C 48 11.12 -23.30 11.64
N LEU C 49 10.86 -24.21 10.72
CA LEU C 49 10.01 -23.94 9.56
C LEU C 49 8.76 -24.83 9.56
N SER C 50 7.60 -24.21 9.41
CA SER C 50 6.32 -24.91 9.38
C SER C 50 5.27 -23.93 8.83
N HIS C 51 4.20 -24.47 8.23
CA HIS C 51 3.16 -23.63 7.66
C HIS C 51 2.77 -22.52 8.63
N ARG C 52 2.65 -22.91 9.90
CA ARG C 52 2.28 -21.99 10.98
C ARG C 52 3.18 -20.77 11.05
N THR C 53 4.49 -21.00 11.10
CA THR C 53 5.46 -19.92 11.19
C THR C 53 5.64 -19.14 9.89
N VAL C 54 5.54 -19.82 8.75
CA VAL C 54 5.69 -19.13 7.47
C VAL C 54 4.49 -18.25 7.18
N ALA C 55 3.30 -18.77 7.45
CA ALA C 55 2.08 -18.00 7.22
C ALA C 55 2.19 -16.72 8.04
N ALA C 56 2.71 -16.84 9.26
CA ALA C 56 2.87 -15.70 10.16
C ALA C 56 3.83 -14.67 9.55
N GLU C 57 5.09 -15.06 9.37
CA GLU C 57 6.12 -14.18 8.83
C GLU C 57 5.74 -13.52 7.49
N ALA C 58 4.93 -14.20 6.69
CA ALA C 58 4.53 -13.65 5.39
C ALA C 58 3.32 -12.76 5.56
N ASP C 59 2.66 -12.88 6.71
CA ASP C 59 1.47 -12.10 7.00
C ASP C 59 0.40 -12.43 5.97
N VAL C 60 0.28 -13.72 5.64
CA VAL C 60 -0.73 -14.20 4.69
C VAL C 60 -1.61 -15.22 5.41
N PRO C 61 -2.77 -15.56 4.81
CA PRO C 61 -3.71 -16.53 5.39
C PRO C 61 -3.11 -17.88 5.80
N LEU C 62 -3.30 -18.21 7.07
CA LEU C 62 -2.81 -19.43 7.71
C LEU C 62 -3.04 -20.71 6.90
N GLY C 63 -3.74 -20.60 5.77
CA GLY C 63 -4.00 -21.75 4.93
C GLY C 63 -3.59 -21.46 3.50
N SER C 64 -3.33 -20.20 3.20
CA SER C 64 -2.91 -19.80 1.86
C SER C 64 -1.52 -20.41 1.64
N THR C 65 -0.83 -20.66 2.75
CA THR C 65 0.49 -21.25 2.70
C THR C 65 0.31 -22.74 2.38
N THR C 66 -0.75 -23.33 2.94
CA THR C 66 -1.04 -24.75 2.69
C THR C 66 -1.48 -24.94 1.24
N TYR C 67 -2.12 -23.92 0.66
CA TYR C 67 -2.56 -24.02 -0.72
C TYR C 67 -1.38 -24.14 -1.67
N HIS C 68 -0.52 -23.13 -1.69
CA HIS C 68 0.66 -23.10 -2.55
C HIS C 68 1.67 -24.19 -2.21
N PHE C 69 1.65 -24.65 -0.96
CA PHE C 69 2.56 -25.71 -0.55
C PHE C 69 1.84 -26.76 0.31
N ALA C 70 1.38 -27.83 -0.33
CA ALA C 70 0.63 -28.92 0.31
C ALA C 70 1.31 -29.48 1.53
N THR C 71 2.47 -30.12 1.33
CA THR C 71 3.24 -30.72 2.42
C THR C 71 4.31 -29.77 2.95
N LEU C 72 4.88 -30.13 4.10
CA LEU C 72 5.93 -29.35 4.72
C LEU C 72 7.16 -29.47 3.84
N ASP C 73 7.36 -30.66 3.26
CA ASP C 73 8.47 -30.90 2.35
C ASP C 73 8.39 -29.87 1.22
N ASP C 74 7.19 -29.67 0.70
CA ASP C 74 6.95 -28.70 -0.37
C ASP C 74 7.49 -27.32 -0.01
N LEU C 75 7.19 -26.89 1.20
CA LEU C 75 7.62 -25.60 1.69
C LEU C 75 9.13 -25.52 1.70
N MET C 76 9.73 -26.46 2.43
CA MET C 76 11.17 -26.55 2.58
C MET C 76 11.88 -26.51 1.24
N VAL C 77 11.64 -27.53 0.42
CA VAL C 77 12.27 -27.60 -0.89
C VAL C 77 12.22 -26.26 -1.64
N ALA C 78 11.08 -25.60 -1.59
CA ALA C 78 10.91 -24.33 -2.27
C ALA C 78 11.91 -23.33 -1.72
N ALA C 79 11.62 -22.83 -0.52
CA ALA C 79 12.48 -21.85 0.13
C ALA C 79 13.96 -22.21 0.09
N LEU C 80 14.33 -23.39 0.56
CA LEU C 80 15.75 -23.74 0.55
C LEU C 80 16.37 -23.66 -0.83
N ARG C 81 15.62 -24.01 -1.85
CA ARG C 81 16.16 -23.97 -3.20
C ARG C 81 16.41 -22.54 -3.63
N GLN C 82 15.50 -21.66 -3.26
CA GLN C 82 15.59 -20.25 -3.61
C GLN C 82 16.37 -19.44 -2.59
N ALA C 83 17.31 -20.09 -1.93
CA ALA C 83 18.15 -19.43 -0.94
C ALA C 83 19.59 -19.50 -1.45
N ASN C 84 19.88 -20.63 -2.10
CA ASN C 84 21.19 -20.95 -2.68
C ASN C 84 22.41 -20.19 -2.14
N GLU C 85 22.84 -20.62 -0.96
CA GLU C 85 24.00 -20.07 -0.26
C GLU C 85 25.00 -21.23 -0.23
N GLY C 86 25.05 -21.90 0.91
CA GLY C 86 25.90 -23.08 1.07
C GLY C 86 27.42 -23.00 1.17
N PHE C 87 28.07 -22.38 0.20
CA PHE C 87 29.53 -22.27 0.16
C PHE C 87 29.88 -22.11 -1.31
N ALA C 88 29.06 -22.69 -2.17
CA ALA C 88 29.28 -22.59 -3.60
C ALA C 88 29.18 -21.12 -3.98
N ARG C 89 28.40 -20.37 -3.22
CA ARG C 89 28.24 -18.95 -3.48
C ARG C 89 29.52 -18.23 -3.09
N VAL C 90 30.01 -18.54 -1.89
CA VAL C 90 31.25 -17.97 -1.40
C VAL C 90 32.29 -18.15 -2.50
N VAL C 91 32.59 -19.40 -2.82
CA VAL C 91 33.57 -19.73 -3.86
C VAL C 91 33.33 -18.95 -5.17
N ALA C 92 32.07 -18.64 -5.47
CA ALA C 92 31.72 -17.91 -6.68
C ALA C 92 32.20 -16.46 -6.58
N ALA C 93 32.37 -15.98 -5.34
CA ALA C 93 32.82 -14.62 -5.10
C ALA C 93 34.33 -14.49 -4.98
N HIS C 94 35.01 -15.63 -4.90
CA HIS C 94 36.46 -15.58 -4.79
C HIS C 94 37.10 -16.13 -6.04
N PRO C 95 37.41 -15.25 -6.99
CA PRO C 95 38.04 -15.59 -8.28
C PRO C 95 39.42 -16.22 -8.12
N ALA C 96 40.05 -15.98 -6.98
CA ALA C 96 41.35 -16.55 -6.70
C ALA C 96 41.24 -18.08 -6.87
N LEU C 97 40.08 -18.62 -6.52
CA LEU C 97 39.81 -20.04 -6.60
C LEU C 97 39.83 -20.59 -8.01
N SER C 98 39.25 -19.86 -8.95
CA SER C 98 39.21 -20.35 -10.32
C SER C 98 40.46 -20.04 -11.13
N ASP C 99 41.18 -18.97 -10.78
CA ASP C 99 42.41 -18.64 -11.50
C ASP C 99 43.17 -19.95 -11.66
N PRO C 100 43.33 -20.41 -12.90
CA PRO C 100 44.03 -21.67 -13.20
C PRO C 100 45.41 -21.83 -12.57
N GLU C 101 46.12 -20.75 -12.32
CA GLU C 101 47.44 -20.92 -11.71
C GLU C 101 47.66 -20.20 -10.40
N ALA C 102 46.62 -20.17 -9.57
CA ALA C 102 46.72 -19.60 -8.23
C ALA C 102 46.86 -20.90 -7.42
N ASP C 103 47.11 -20.84 -6.11
CA ASP C 103 47.24 -22.10 -5.37
C ASP C 103 45.88 -22.57 -4.89
N LEU C 104 45.43 -23.70 -5.44
CA LEU C 104 44.12 -24.25 -5.10
C LEU C 104 43.90 -24.60 -3.64
N SER C 105 44.81 -25.38 -3.06
CA SER C 105 44.70 -25.77 -1.66
C SER C 105 44.82 -24.54 -0.78
N GLY C 106 45.85 -23.74 -1.04
CA GLY C 106 46.07 -22.53 -0.28
C GLY C 106 44.80 -21.70 -0.21
N GLU C 107 44.27 -21.34 -1.37
CA GLU C 107 43.07 -20.53 -1.43
C GLU C 107 41.86 -21.24 -0.85
N LEU C 108 41.74 -22.53 -1.16
CA LEU C 108 40.62 -23.31 -0.67
C LEU C 108 40.60 -23.28 0.85
N ALA C 109 41.76 -23.55 1.45
CA ALA C 109 41.88 -23.56 2.91
C ALA C 109 41.52 -22.21 3.49
N ARG C 110 42.05 -21.17 2.87
CA ARG C 110 41.83 -19.77 3.28
C ARG C 110 40.34 -19.36 3.16
N VAL C 111 39.69 -19.73 2.06
CA VAL C 111 38.30 -19.37 1.85
C VAL C 111 37.43 -20.17 2.79
N LEU C 112 37.82 -21.41 3.05
CA LEU C 112 37.05 -22.27 3.93
C LEU C 112 37.03 -21.61 5.31
N GLY C 113 38.21 -21.17 5.76
CA GLY C 113 38.28 -20.50 7.04
C GLY C 113 37.30 -19.34 7.11
N GLU C 114 37.19 -18.57 6.04
CA GLU C 114 36.28 -17.44 6.01
C GLU C 114 34.86 -17.97 6.17
N TRP C 115 34.63 -19.18 5.68
CA TRP C 115 33.33 -19.81 5.76
C TRP C 115 33.01 -20.21 7.21
N LEU C 116 34.01 -20.76 7.90
CA LEU C 116 33.86 -21.23 9.28
C LEU C 116 34.19 -20.19 10.37
N GLY C 117 35.23 -19.40 10.12
CA GLY C 117 35.63 -18.37 11.07
C GLY C 117 34.68 -17.21 11.12
N GLY C 118 34.32 -16.80 12.33
CA GLY C 118 33.38 -15.69 12.47
C GLY C 118 32.05 -16.00 11.81
N ASP C 119 31.05 -16.36 12.62
CA ASP C 119 29.72 -16.68 12.11
C ASP C 119 29.75 -18.02 11.37
N ARG C 120 29.13 -19.04 11.97
CA ARG C 120 29.05 -20.38 11.40
C ARG C 120 27.60 -20.64 11.04
N THR C 121 26.86 -19.55 10.79
CA THR C 121 25.45 -19.63 10.45
C THR C 121 25.25 -20.22 9.07
N GLY C 122 26.09 -19.81 8.13
CA GLY C 122 25.98 -20.32 6.79
C GLY C 122 26.27 -21.81 6.80
N VAL C 123 27.41 -22.17 7.38
CA VAL C 123 27.85 -23.56 7.47
C VAL C 123 26.79 -24.43 8.13
N GLU C 124 26.26 -23.95 9.25
CA GLU C 124 25.22 -24.70 9.96
C GLU C 124 24.02 -24.96 9.06
N LEU C 125 23.51 -23.90 8.42
CA LEU C 125 22.36 -24.04 7.54
C LEU C 125 22.50 -25.10 6.46
N GLU C 126 23.64 -25.08 5.75
CA GLU C 126 23.90 -26.04 4.68
C GLU C 126 24.12 -27.45 5.23
N TYR C 127 24.58 -27.55 6.47
CA TYR C 127 24.80 -28.86 7.06
C TYR C 127 23.55 -29.31 7.79
N GLU C 128 22.48 -28.55 7.61
CA GLU C 128 21.21 -28.91 8.18
C GLU C 128 20.40 -29.35 6.99
N LEU C 129 20.73 -28.76 5.83
CA LEU C 129 20.05 -29.12 4.61
C LEU C 129 20.42 -30.58 4.42
N TYR C 130 21.72 -30.85 4.57
CA TYR C 130 22.27 -32.20 4.46
C TYR C 130 21.69 -33.06 5.59
N LEU C 131 21.31 -32.42 6.69
CA LEU C 131 20.71 -33.14 7.81
C LEU C 131 19.37 -33.66 7.33
N ALA C 132 18.40 -32.74 7.22
CA ALA C 132 17.05 -33.07 6.79
C ALA C 132 17.04 -33.98 5.57
N ALA C 133 17.93 -33.72 4.63
CA ALA C 133 17.99 -34.54 3.42
C ALA C 133 18.04 -36.02 3.75
N LEU C 134 18.69 -36.37 4.86
CA LEU C 134 18.84 -37.75 5.30
C LEU C 134 17.51 -38.43 5.61
N ARG C 135 16.67 -37.78 6.41
CA ARG C 135 15.39 -38.37 6.76
C ARG C 135 14.24 -37.94 5.84
N ARG C 136 14.52 -37.04 4.90
CA ARG C 136 13.49 -36.54 3.99
C ARG C 136 14.02 -36.35 2.58
N PRO C 137 13.99 -37.42 1.79
CA PRO C 137 14.45 -37.50 0.39
C PRO C 137 14.05 -36.34 -0.51
N ALA C 138 12.87 -35.79 -0.26
CA ALA C 138 12.37 -34.67 -1.06
C ALA C 138 13.40 -33.54 -1.10
N LEU C 139 14.35 -33.56 -0.17
CA LEU C 139 15.36 -32.53 -0.10
C LEU C 139 16.72 -32.92 -0.69
N ARG C 140 16.86 -34.22 -1.02
CA ARG C 140 18.08 -34.79 -1.60
C ARG C 140 18.56 -34.01 -2.83
N PRO C 141 17.63 -33.66 -3.72
CA PRO C 141 17.97 -32.92 -4.93
C PRO C 141 18.37 -31.47 -4.67
N VAL C 142 17.71 -30.82 -3.72
CA VAL C 142 18.03 -29.43 -3.42
C VAL C 142 19.41 -29.34 -2.78
N ALA C 143 19.77 -30.37 -2.02
CA ALA C 143 21.08 -30.42 -1.38
C ALA C 143 22.13 -30.44 -2.49
N ALA C 144 21.88 -31.28 -3.49
CA ALA C 144 22.76 -31.39 -4.63
C ALA C 144 22.85 -30.04 -5.35
N GLU C 145 21.72 -29.35 -5.46
CA GLU C 145 21.71 -28.06 -6.13
C GLU C 145 22.69 -27.10 -5.46
N TRP C 146 22.69 -27.09 -4.13
CA TRP C 146 23.59 -26.22 -3.38
C TRP C 146 25.04 -26.58 -3.65
N ALA C 147 25.37 -27.85 -3.52
CA ALA C 147 26.73 -28.33 -3.74
C ALA C 147 27.26 -28.07 -5.16
N GLU C 148 26.37 -28.10 -6.15
CA GLU C 148 26.70 -27.91 -7.56
C GLU C 148 27.95 -27.06 -7.84
N GLY C 149 27.82 -25.74 -7.63
CA GLY C 149 28.90 -24.81 -7.88
C GLY C 149 30.31 -25.25 -7.55
N VAL C 150 30.50 -25.70 -6.32
CA VAL C 150 31.81 -26.15 -5.86
C VAL C 150 32.38 -27.35 -6.62
N GLY C 151 31.54 -28.34 -6.89
CA GLY C 151 32.00 -29.50 -7.63
C GLY C 151 32.38 -29.07 -9.05
N ALA C 152 31.59 -28.14 -9.59
CA ALA C 152 31.83 -27.65 -10.93
C ALA C 152 33.18 -26.97 -11.03
N LEU C 153 33.50 -26.09 -10.09
CA LEU C 153 34.78 -25.40 -10.14
C LEU C 153 35.94 -26.33 -9.86
N LEU C 154 35.83 -27.15 -8.82
CA LEU C 154 36.93 -28.05 -8.51
C LEU C 154 37.25 -28.93 -9.70
N ALA C 155 36.21 -29.49 -10.32
CA ALA C 155 36.40 -30.32 -11.50
C ALA C 155 37.20 -29.54 -12.57
N ALA C 156 36.78 -28.31 -12.84
CA ALA C 156 37.46 -27.49 -13.83
C ALA C 156 38.93 -27.36 -13.50
N ARG C 157 39.22 -27.13 -12.22
CA ARG C 157 40.57 -26.92 -11.72
C ARG C 157 41.46 -28.17 -11.61
N THR C 158 40.84 -29.35 -11.53
CA THR C 158 41.57 -30.62 -11.43
C THR C 158 40.92 -31.65 -12.37
N ASP C 159 40.32 -32.70 -11.79
CA ASP C 159 39.63 -33.75 -12.54
C ASP C 159 38.45 -34.22 -11.70
N PRO C 160 37.47 -34.89 -12.31
CA PRO C 160 36.30 -35.36 -11.58
C PRO C 160 36.59 -36.18 -10.32
N THR C 161 37.63 -37.00 -10.34
CA THR C 161 37.98 -37.80 -9.16
C THR C 161 38.49 -36.87 -8.07
N THR C 162 39.57 -36.15 -8.37
CA THR C 162 40.18 -35.23 -7.43
C THR C 162 39.18 -34.23 -6.88
N ALA C 163 38.04 -34.05 -7.55
CA ALA C 163 37.06 -33.10 -7.08
C ALA C 163 36.15 -33.74 -6.05
N ARG C 164 35.76 -34.98 -6.28
CA ARG C 164 34.89 -35.69 -5.33
C ARG C 164 35.62 -35.77 -3.99
N ALA C 165 36.93 -35.98 -4.06
CA ALA C 165 37.76 -36.08 -2.89
C ALA C 165 37.71 -34.75 -2.13
N LEU C 166 38.13 -33.68 -2.78
CA LEU C 166 38.11 -32.36 -2.17
C LEU C 166 36.76 -32.10 -1.57
N VAL C 167 35.69 -32.43 -2.29
CA VAL C 167 34.36 -32.17 -1.77
C VAL C 167 34.09 -33.05 -0.55
N ALA C 168 34.66 -34.24 -0.54
CA ALA C 168 34.45 -35.17 0.55
C ALA C 168 35.09 -34.64 1.81
N VAL C 169 36.40 -34.38 1.71
CA VAL C 169 37.16 -33.87 2.84
C VAL C 169 36.57 -32.57 3.33
N LEU C 170 36.11 -31.71 2.43
CA LEU C 170 35.49 -30.45 2.84
C LEU C 170 34.33 -30.71 3.76
N ASP C 171 33.41 -31.56 3.34
CA ASP C 171 32.29 -31.87 4.17
C ASP C 171 32.77 -32.46 5.48
N GLY C 172 33.83 -33.26 5.41
CA GLY C 172 34.38 -33.87 6.60
C GLY C 172 34.98 -32.82 7.54
N ILE C 173 35.80 -31.94 6.99
CA ILE C 173 36.43 -30.90 7.78
C ILE C 173 35.38 -29.99 8.38
N CYS C 174 34.21 -29.93 7.79
CA CYS C 174 33.18 -29.06 8.32
C CYS C 174 32.37 -29.63 9.46
N LEU C 175 32.23 -30.96 9.50
CA LEU C 175 31.49 -31.57 10.60
C LEU C 175 32.46 -31.61 11.78
N GLN C 176 33.67 -32.07 11.52
CA GLN C 176 34.73 -32.19 12.53
C GLN C 176 34.84 -30.87 13.26
N VAL C 177 34.40 -29.81 12.62
CA VAL C 177 34.44 -28.48 13.21
C VAL C 177 33.09 -28.16 13.85
N LEU C 178 32.02 -28.27 13.06
CA LEU C 178 30.69 -28.00 13.58
C LEU C 178 30.30 -28.91 14.74
N LEU C 179 31.01 -30.02 14.94
CA LEU C 179 30.68 -30.97 16.01
C LEU C 179 31.62 -30.89 17.20
N THR C 180 32.91 -31.10 17.00
CA THR C 180 33.85 -31.02 18.10
C THR C 180 33.89 -29.58 18.60
N ASP C 181 33.20 -28.70 17.88
CA ASP C 181 33.15 -27.29 18.24
C ASP C 181 34.56 -26.69 18.39
N THR C 182 35.58 -27.42 17.95
CA THR C 182 36.94 -26.91 18.04
C THR C 182 37.09 -25.76 17.03
N PRO C 183 38.28 -25.15 16.94
CA PRO C 183 38.51 -24.04 15.99
C PRO C 183 38.42 -24.47 14.53
N TYR C 184 39.50 -24.27 13.77
CA TYR C 184 39.50 -24.65 12.37
C TYR C 184 40.85 -25.11 11.86
N ASP C 185 41.92 -24.49 12.34
CA ASP C 185 43.26 -24.85 11.91
C ASP C 185 43.35 -24.82 10.39
N GLU C 186 43.48 -23.62 9.84
CA GLU C 186 43.55 -23.44 8.41
C GLU C 186 44.74 -24.16 7.76
N GLU C 187 45.89 -24.14 8.41
CA GLU C 187 47.08 -24.77 7.84
C GLU C 187 46.95 -26.29 7.84
N TYR C 188 45.93 -26.78 8.56
CA TYR C 188 45.63 -28.21 8.63
C TYR C 188 44.98 -28.55 7.31
N ALA C 189 43.81 -27.93 7.10
CA ALA C 189 43.06 -28.12 5.87
C ALA C 189 43.98 -27.95 4.68
N ARG C 190 44.72 -26.85 4.65
CA ARG C 190 45.59 -26.59 3.51
C ARG C 190 46.39 -27.81 3.12
N GLU C 191 47.03 -28.43 4.10
CA GLU C 191 47.85 -29.59 3.84
C GLU C 191 47.05 -30.83 3.43
N VAL C 192 45.92 -31.05 4.08
CA VAL C 192 45.08 -32.20 3.75
C VAL C 192 44.67 -32.08 2.29
N LEU C 193 44.13 -30.93 1.94
CA LEU C 193 43.72 -30.67 0.57
C LEU C 193 44.89 -30.94 -0.37
N THR C 194 46.04 -30.34 -0.08
CA THR C 194 47.21 -30.52 -0.91
C THR C 194 47.49 -31.97 -1.27
N ARG C 195 47.16 -32.89 -0.37
CA ARG C 195 47.41 -34.31 -0.63
C ARG C 195 46.47 -34.86 -1.69
N LEU C 196 45.21 -34.41 -1.65
CA LEU C 196 44.24 -34.86 -2.63
C LEU C 196 44.58 -34.32 -4.03
N ILE C 197 45.11 -33.09 -4.09
CA ILE C 197 45.47 -32.41 -5.34
C ILE C 197 46.83 -32.79 -5.91
#